data_9EXY
#
_entry.id   9EXY
#
_cell.length_a   66
_cell.length_b   66
_cell.length_c   149.672
_cell.angle_alpha   90
_cell.angle_beta   90
_cell.angle_gamma   120
#
_symmetry.space_group_name_H-M   'P 31 2 1'
#
loop_
_entity.id
_entity.type
_entity.pdbx_description
1 polymer 'Histone-lysine N-methyltransferase NSD2'
2 non-polymer 7-[5-methyl-3-[2-methyl-5-(piperidin-1-ylmethyl)phenyl]-1,2-oxazol-4-yl]-4~{H}-1,4-benzoxazin-3-one
3 water water
#
_entity_poly.entity_id   1
_entity_poly.type   'polypeptide(L)'
_entity_poly.pdbx_seq_one_letter_code
;MGGGPNTGRDKDHLLKYNVGDLVWSKVSGYPWWPCMVSADPLLHSYTKLKGQAASARQYHVQFFGDAPERAWIFEKSLVA
FEGEGQFEKLCQESAKQAPTAAEKIKLLAPISGKLRAQWEMGIVQAEEAASMSVEERKAKFTFLYVGDQLHLNPQVAKEA
GIAAEGGGENLYFQGSHHHHHH
;
_entity_poly.pdbx_strand_id   A,B
#
loop_
_chem_comp.id
_chem_comp.type
_chem_comp.name
_chem_comp.formula
A1H7Z non-polymer 7-[5-methyl-3-[2-methyl-5-(piperidin-1-ylmethyl)phenyl]-1,2-oxazol-4-yl]-4~{H}-1,4-benzoxazin-3-one 'C25 H27 N3 O3'
#
# COMPACT_ATOMS: atom_id res chain seq x y z
N LEU A 14 -14.39 25.60 6.93
CA LEU A 14 -15.68 25.03 7.38
C LEU A 14 -15.50 24.03 8.55
N LEU A 15 -14.48 23.17 8.46
CA LEU A 15 -14.22 22.17 9.52
C LEU A 15 -13.28 22.69 10.61
N LYS A 16 -13.66 22.52 11.89
CA LYS A 16 -12.86 22.91 13.04
C LYS A 16 -13.11 21.83 14.09
N TYR A 17 -12.10 20.99 14.36
CA TYR A 17 -12.26 19.90 15.31
C TYR A 17 -12.12 20.38 16.73
N ASN A 18 -12.69 19.63 17.68
CA ASN A 18 -12.66 19.92 19.10
C ASN A 18 -12.26 18.66 19.89
N VAL A 19 -11.85 18.80 21.15
CA VAL A 19 -11.49 17.66 21.99
C VAL A 19 -12.67 16.64 22.06
N GLY A 20 -12.38 15.37 21.78
CA GLY A 20 -13.41 14.33 21.74
C GLY A 20 -13.90 14.01 20.35
N ASP A 21 -13.59 14.87 19.34
CA ASP A 21 -14.01 14.55 17.98
C ASP A 21 -13.25 13.33 17.45
N LEU A 22 -13.90 12.52 16.67
CA LEU A 22 -13.30 11.30 16.12
C LEU A 22 -12.91 11.56 14.68
N VAL A 23 -11.66 11.20 14.33
CA VAL A 23 -11.14 11.38 12.99
C VAL A 23 -10.29 10.17 12.54
N TRP A 24 -10.22 9.95 11.25
CA TRP A 24 -9.25 9.04 10.68
C TRP A 24 -8.00 9.99 10.47
N SER A 25 -6.79 9.52 10.77
CA SER A 25 -5.57 10.29 10.60
C SER A 25 -4.68 9.57 9.58
N LYS A 26 -4.07 10.31 8.62
CA LYS A 26 -3.18 9.68 7.64
C LYS A 26 -1.74 10.09 7.97
N VAL A 27 -0.90 9.12 8.33
CA VAL A 27 0.48 9.37 8.74
C VAL A 27 1.41 8.67 7.78
N SER A 28 2.58 9.28 7.53
CA SER A 28 3.57 8.71 6.63
C SER A 28 3.99 7.31 7.16
N GLY A 29 3.95 6.31 6.28
CA GLY A 29 4.32 4.94 6.62
C GLY A 29 3.18 4.09 7.18
N TYR A 30 1.94 4.66 7.26
CA TYR A 30 0.82 3.94 7.84
C TYR A 30 -0.47 4.14 7.07
N PRO A 31 -1.40 3.17 7.12
CA PRO A 31 -2.71 3.41 6.50
C PRO A 31 -3.55 4.40 7.37
N TRP A 32 -4.70 4.89 6.85
CA TRP A 32 -5.63 5.74 7.62
C TRP A 32 -6.01 5.01 8.94
N TRP A 33 -5.86 5.68 10.09
CA TRP A 33 -5.98 5.09 11.41
C TRP A 33 -6.98 5.85 12.28
N PRO A 34 -7.87 5.15 13.04
CA PRO A 34 -8.84 5.85 13.91
C PRO A 34 -8.20 6.57 15.09
N CYS A 35 -8.60 7.84 15.27
CA CYS A 35 -8.08 8.72 16.29
C CYS A 35 -9.16 9.55 16.99
N MET A 36 -8.79 10.16 18.10
CA MET A 36 -9.66 11.10 18.79
C MET A 36 -8.85 12.37 19.09
N VAL A 37 -9.40 13.55 18.75
CA VAL A 37 -8.76 14.84 19.08
C VAL A 37 -8.71 14.96 20.61
N SER A 38 -7.56 15.35 21.16
CA SER A 38 -7.40 15.49 22.59
C SER A 38 -6.37 16.60 22.92
N ALA A 39 -6.31 17.04 24.19
CA ALA A 39 -5.35 18.06 24.61
C ALA A 39 -3.97 17.46 24.94
N ASP A 40 -2.91 18.12 24.45
CA ASP A 40 -1.51 17.72 24.71
C ASP A 40 -1.28 17.85 26.21
N PRO A 41 -0.78 16.80 26.86
CA PRO A 41 -0.61 16.84 28.33
C PRO A 41 0.30 17.91 28.90
N LEU A 42 1.21 18.45 28.11
CA LEU A 42 2.17 19.45 28.60
C LEU A 42 1.90 20.85 28.09
N LEU A 43 1.58 20.97 26.80
CA LEU A 43 1.25 22.26 26.21
C LEU A 43 -0.18 22.72 26.59
N HIS A 44 -1.06 21.76 26.99
CA HIS A 44 -2.47 21.93 27.39
C HIS A 44 -3.40 22.39 26.23
N SER A 45 -2.87 22.39 25.00
CA SER A 45 -3.64 22.77 23.84
C SER A 45 -3.97 21.53 22.98
N TYR A 46 -5.02 21.62 22.19
CA TYR A 46 -5.45 20.56 21.27
C TYR A 46 -5.29 20.99 19.80
N THR A 47 -5.11 22.30 19.55
CA THR A 47 -4.94 22.83 18.22
C THR A 47 -3.90 23.95 18.27
N LYS A 48 -3.30 24.24 17.12
CA LYS A 48 -2.30 25.27 16.98
C LYS A 48 -2.02 25.54 15.50
N LEU A 49 -1.45 26.71 15.21
CA LEU A 49 -1.05 27.06 13.85
C LEU A 49 0.47 27.30 13.78
N ALA A 56 -2.17 24.19 7.23
CA ALA A 56 -1.23 24.68 8.24
C ALA A 56 -1.72 24.49 9.69
N ARG A 57 -3.02 24.24 9.91
CA ARG A 57 -3.49 24.01 11.29
C ARG A 57 -3.13 22.58 11.73
N GLN A 58 -2.67 22.42 12.97
CA GLN A 58 -2.40 21.13 13.59
C GLN A 58 -3.39 20.84 14.74
N TYR A 59 -3.65 19.56 14.98
CA TYR A 59 -4.49 19.05 16.03
C TYR A 59 -3.76 17.91 16.73
N HIS A 60 -3.84 17.85 18.07
CA HIS A 60 -3.26 16.77 18.86
C HIS A 60 -4.28 15.63 18.91
N VAL A 61 -3.85 14.40 18.55
CA VAL A 61 -4.75 13.25 18.52
C VAL A 61 -4.17 12.06 19.26
N GLN A 62 -5.07 11.19 19.73
CA GLN A 62 -4.76 9.90 20.31
C GLN A 62 -5.02 8.86 19.20
N PHE A 63 -4.16 7.83 19.07
CA PHE A 63 -4.41 6.78 18.12
C PHE A 63 -5.10 5.62 18.88
N PHE A 64 -6.29 5.23 18.41
CA PHE A 64 -6.99 4.10 19.05
C PHE A 64 -6.20 2.78 18.79
N GLY A 65 -6.30 1.88 19.75
CA GLY A 65 -5.64 0.58 19.70
C GLY A 65 -5.18 0.14 21.07
N ASP A 66 -4.49 -1.00 21.14
CA ASP A 66 -4.03 -1.51 22.45
C ASP A 66 -2.57 -1.08 22.79
N ALA A 67 -1.88 -0.38 21.88
CA ALA A 67 -0.52 0.12 22.14
C ALA A 67 -0.63 1.63 21.93
N PRO A 68 -1.01 2.37 22.99
CA PRO A 68 -1.34 3.79 22.82
C PRO A 68 -0.24 4.72 22.35
N GLU A 69 -0.61 5.61 21.44
CA GLU A 69 0.30 6.64 20.91
C GLU A 69 -0.47 7.97 20.71
N ARG A 70 0.25 9.08 20.72
CA ARG A 70 -0.33 10.41 20.50
C ARG A 70 0.60 11.21 19.60
N ALA A 71 0.06 12.20 18.89
CA ALA A 71 0.90 13.04 18.01
C ALA A 71 0.08 14.24 17.50
N TRP A 72 0.76 15.25 16.98
CA TRP A 72 0.15 16.39 16.32
C TRP A 72 0.09 16.05 14.84
N ILE A 73 -1.06 16.29 14.23
CA ILE A 73 -1.36 16.00 12.82
C ILE A 73 -1.85 17.30 12.17
N PHE A 74 -1.58 17.48 10.87
CA PHE A 74 -2.12 18.61 10.12
C PHE A 74 -3.56 18.25 9.72
N GLU A 75 -4.47 19.26 9.69
CA GLU A 75 -5.89 19.13 9.32
C GLU A 75 -6.07 18.48 7.97
N LYS A 76 -5.18 18.78 7.01
CA LYS A 76 -5.31 18.18 5.67
C LYS A 76 -5.16 16.63 5.71
N SER A 77 -4.59 16.09 6.80
CA SER A 77 -4.42 14.65 6.97
C SER A 77 -5.48 14.03 7.92
N LEU A 78 -6.62 14.73 8.14
CA LEU A 78 -7.71 14.26 9.00
C LEU A 78 -9.00 14.26 8.22
N VAL A 79 -9.86 13.30 8.50
CA VAL A 79 -11.17 13.17 7.90
C VAL A 79 -12.10 12.74 9.06
N ALA A 80 -13.30 13.34 9.20
CA ALA A 80 -14.24 12.90 10.26
C ALA A 80 -14.50 11.36 10.25
N PHE A 81 -14.48 10.77 11.43
CA PHE A 81 -14.74 9.34 11.59
C PHE A 81 -16.23 9.09 11.78
N GLU A 82 -16.78 8.25 10.93
CA GLU A 82 -18.19 7.79 10.97
C GLU A 82 -18.19 6.28 11.31
N GLY A 83 -17.37 5.49 10.61
CA GLY A 83 -17.26 4.06 10.86
C GLY A 83 -16.24 3.35 10.00
N GLU A 84 -16.03 2.05 10.27
CA GLU A 84 -15.08 1.21 9.51
C GLU A 84 -15.34 1.20 7.98
N GLY A 85 -16.61 1.28 7.58
CA GLY A 85 -17.04 1.31 6.18
C GLY A 85 -16.36 2.38 5.32
N GLN A 86 -15.85 3.43 5.95
CA GLN A 86 -15.16 4.51 5.25
C GLN A 86 -13.78 4.13 4.72
N PHE A 87 -13.08 3.21 5.42
CA PHE A 87 -11.69 2.86 5.08
C PHE A 87 -11.41 2.60 3.61
N GLU A 88 -12.29 1.82 2.96
CA GLU A 88 -12.11 1.43 1.56
C GLU A 88 -11.96 2.64 0.62
N LYS A 89 -12.86 3.61 0.74
CA LYS A 89 -12.88 4.81 -0.06
C LYS A 89 -11.69 5.71 0.29
N LEU A 90 -11.29 5.77 1.56
CA LEU A 90 -10.12 6.54 1.97
C LEU A 90 -8.83 6.00 1.30
N CYS A 91 -8.65 4.66 1.32
CA CYS A 91 -7.55 3.96 0.66
C CYS A 91 -7.54 4.32 -0.84
N GLN A 92 -8.71 4.22 -1.50
CA GLN A 92 -8.85 4.46 -2.93
C GLN A 92 -8.62 5.90 -3.34
N GLU A 93 -9.25 6.85 -2.64
CA GLU A 93 -9.11 8.27 -2.95
C GLU A 93 -7.71 8.78 -2.67
N SER A 94 -7.05 8.25 -1.62
CA SER A 94 -5.68 8.69 -1.32
C SER A 94 -4.64 8.19 -2.33
N ALA A 95 -4.96 7.14 -3.09
CA ALA A 95 -4.03 6.58 -4.05
C ALA A 95 -3.65 7.59 -5.14
N LYS A 96 -4.63 8.39 -5.56
CA LYS A 96 -4.46 9.45 -6.56
C LYS A 96 -3.38 10.48 -6.12
N GLN A 97 -3.16 10.64 -4.82
CA GLN A 97 -2.19 11.60 -4.28
C GLN A 97 -0.92 10.95 -3.71
N ALA A 98 -0.69 9.65 -3.97
CA ALA A 98 0.49 8.94 -3.50
C ALA A 98 1.08 8.27 -4.73
N PRO A 99 1.79 9.03 -5.57
CA PRO A 99 2.31 8.45 -6.80
C PRO A 99 3.39 7.38 -6.64
N THR A 100 4.24 7.44 -5.57
CA THR A 100 5.32 6.45 -5.48
C THR A 100 4.88 5.18 -4.71
N ALA A 101 5.46 4.03 -5.11
CA ALA A 101 5.11 2.71 -4.63
C ALA A 101 5.16 2.55 -3.13
N ALA A 102 6.22 3.03 -2.47
CA ALA A 102 6.32 2.86 -1.02
C ALA A 102 5.20 3.60 -0.26
N GLU A 103 4.74 4.73 -0.82
CA GLU A 103 3.68 5.53 -0.22
C GLU A 103 2.32 4.82 -0.49
N LYS A 104 2.09 4.44 -1.73
CA LYS A 104 0.84 3.81 -2.13
C LYS A 104 0.57 2.48 -1.40
N ILE A 105 1.59 1.64 -1.21
CA ILE A 105 1.39 0.35 -0.55
C ILE A 105 0.93 0.51 0.92
N LYS A 106 1.35 1.60 1.58
CA LYS A 106 0.98 1.85 2.97
C LYS A 106 -0.49 2.28 3.14
N LEU A 107 -1.22 2.58 2.06
CA LEU A 107 -2.65 2.89 2.12
C LEU A 107 -3.51 1.65 2.40
N LEU A 108 -2.99 0.44 2.07
CA LEU A 108 -3.75 -0.79 2.29
C LEU A 108 -3.85 -1.09 3.79
N ALA A 109 -4.94 -1.75 4.23
CA ALA A 109 -5.06 -2.17 5.64
C ALA A 109 -3.90 -3.17 5.93
N PRO A 110 -3.33 -3.18 7.15
CA PRO A 110 -2.16 -4.05 7.40
C PRO A 110 -2.48 -5.52 7.06
N ILE A 111 -1.55 -6.21 6.37
CA ILE A 111 -1.83 -7.59 5.90
C ILE A 111 -2.24 -8.53 7.04
N SER A 112 -1.40 -8.62 8.04
CA SER A 112 -1.61 -9.56 9.13
C SER A 112 -0.69 -9.17 10.26
N GLY A 113 -0.75 -9.98 11.30
CA GLY A 113 0.11 -9.78 12.44
C GLY A 113 -0.42 -8.78 13.41
N LYS A 114 0.48 -8.36 14.26
CA LYS A 114 0.25 -7.49 15.35
C LYS A 114 -0.24 -6.09 14.90
N LEU A 115 0.25 -5.57 13.75
CA LEU A 115 -0.21 -4.25 13.31
C LEU A 115 -1.68 -4.33 12.92
N ARG A 116 -2.09 -5.41 12.22
CA ARG A 116 -3.49 -5.53 11.84
C ARG A 116 -4.38 -5.69 13.06
N ALA A 117 -3.92 -6.45 14.07
CA ALA A 117 -4.71 -6.65 15.28
C ALA A 117 -4.86 -5.30 16.02
N GLN A 118 -3.79 -4.47 16.04
CA GLN A 118 -3.86 -3.12 16.63
C GLN A 118 -4.85 -2.22 15.89
N TRP A 119 -4.84 -2.24 14.55
CA TRP A 119 -5.72 -1.47 13.71
C TRP A 119 -7.18 -1.93 13.87
N GLU A 120 -7.41 -3.24 13.99
CA GLU A 120 -8.76 -3.77 14.19
C GLU A 120 -9.28 -3.38 15.58
N MET A 121 -8.43 -3.46 16.60
CA MET A 121 -8.80 -3.06 17.97
C MET A 121 -9.06 -1.53 18.04
N GLY A 122 -8.31 -0.76 17.24
CA GLY A 122 -8.46 0.68 17.11
C GLY A 122 -9.83 1.01 16.56
N ILE A 123 -10.25 0.27 15.54
CA ILE A 123 -11.52 0.45 14.91
C ILE A 123 -12.65 0.07 15.84
N VAL A 124 -12.49 -1.03 16.63
CA VAL A 124 -13.52 -1.47 17.58
C VAL A 124 -13.73 -0.36 18.62
N GLN A 125 -12.63 0.15 19.14
CA GLN A 125 -12.68 1.22 20.13
C GLN A 125 -13.33 2.50 19.56
N ALA A 126 -12.96 2.89 18.30
CA ALA A 126 -13.48 4.10 17.67
C ALA A 126 -14.97 3.97 17.37
N GLU A 127 -15.41 2.79 16.93
CA GLU A 127 -16.82 2.56 16.70
C GLU A 127 -17.62 2.64 17.98
N GLU A 128 -17.09 2.14 19.09
CA GLU A 128 -17.77 2.30 20.39
C GLU A 128 -17.84 3.78 20.77
N ALA A 129 -16.70 4.48 20.65
CA ALA A 129 -16.63 5.90 20.93
C ALA A 129 -17.65 6.70 20.10
N ALA A 130 -17.86 6.31 18.83
CA ALA A 130 -18.76 7.02 17.92
C ALA A 130 -20.22 6.98 18.36
N SER A 131 -20.67 5.88 18.96
CA SER A 131 -22.06 5.80 19.48
C SER A 131 -22.18 6.28 20.97
N MET A 132 -21.10 6.79 21.54
CA MET A 132 -21.10 7.37 22.87
C MET A 132 -21.21 8.89 22.68
N SER A 133 -21.53 9.62 23.75
CA SER A 133 -21.56 11.06 23.64
C SER A 133 -20.10 11.57 23.67
N VAL A 134 -19.89 12.87 23.37
CA VAL A 134 -18.55 13.47 23.43
C VAL A 134 -17.94 13.30 24.83
N GLU A 135 -18.70 13.68 25.89
CA GLU A 135 -18.17 13.56 27.24
C GLU A 135 -17.98 12.13 27.68
N GLU A 136 -18.84 11.23 27.24
CA GLU A 136 -18.72 9.82 27.59
C GLU A 136 -17.43 9.23 27.00
N ARG A 137 -17.17 9.47 25.70
CA ARG A 137 -15.97 8.97 25.03
C ARG A 137 -14.70 9.60 25.59
N LYS A 138 -14.77 10.85 26.05
CA LYS A 138 -13.61 11.52 26.65
C LYS A 138 -13.28 10.87 27.98
N ALA A 139 -14.30 10.63 28.81
CA ALA A 139 -14.04 10.01 30.13
C ALA A 139 -13.52 8.59 29.98
N LYS A 140 -14.01 7.82 29.01
CA LYS A 140 -13.53 6.46 28.81
C LYS A 140 -12.15 6.38 28.13
N PHE A 141 -11.99 7.07 27.01
CA PHE A 141 -10.84 6.86 26.14
C PHE A 141 -9.67 7.81 26.26
N THR A 142 -9.79 8.93 27.01
CA THR A 142 -8.64 9.81 27.15
C THR A 142 -7.52 9.08 27.92
N PHE A 143 -6.28 9.19 27.42
CA PHE A 143 -5.15 8.58 28.08
C PHE A 143 -4.90 9.33 29.42
N LEU A 144 -4.27 8.65 30.36
CA LEU A 144 -3.91 9.23 31.66
C LEU A 144 -2.40 9.53 31.62
N TYR A 145 -1.96 10.66 32.17
CA TYR A 145 -0.54 11.04 32.08
C TYR A 145 0.19 11.12 33.43
N VAL A 146 1.43 10.63 33.45
CA VAL A 146 2.32 10.63 34.61
C VAL A 146 3.63 11.32 34.22
N LEU A 150 2.23 8.51 29.65
CA LEU A 150 1.05 8.10 28.87
C LEU A 150 0.62 6.66 29.23
N HIS A 151 -0.60 6.48 29.73
CA HIS A 151 -1.16 5.18 30.08
C HIS A 151 -2.62 5.07 29.65
N LEU A 152 -3.07 3.86 29.32
CA LEU A 152 -4.47 3.62 28.98
C LEU A 152 -5.30 3.68 30.27
N ASN A 153 -6.60 4.01 30.15
CA ASN A 153 -7.59 3.94 31.25
C ASN A 153 -7.70 2.44 31.54
N PRO A 154 -7.54 2.00 32.81
CA PRO A 154 -7.55 0.57 33.10
C PRO A 154 -8.71 -0.23 32.52
N GLN A 155 -9.91 0.38 32.43
CA GLN A 155 -11.07 -0.27 31.83
C GLN A 155 -10.83 -0.56 30.35
N VAL A 156 -10.23 0.42 29.62
CA VAL A 156 -9.88 0.23 28.20
C VAL A 156 -8.82 -0.88 28.09
N ALA A 157 -7.79 -0.83 28.95
CA ALA A 157 -6.71 -1.83 28.91
C ALA A 157 -7.24 -3.25 29.20
N LYS A 158 -8.16 -3.40 30.17
CA LYS A 158 -8.76 -4.70 30.48
C LYS A 158 -9.58 -5.24 29.30
N GLU A 159 -10.41 -4.39 28.69
CA GLU A 159 -11.21 -4.82 27.54
C GLU A 159 -10.34 -5.19 26.31
N ALA A 160 -9.15 -4.56 26.18
CA ALA A 160 -8.26 -4.87 25.06
C ALA A 160 -7.43 -6.14 25.34
N GLY A 161 -7.10 -6.38 26.61
CA GLY A 161 -6.33 -7.56 27.02
C GLY A 161 -4.91 -7.24 27.48
N LYS B 11 -3.00 -7.61 -33.99
CA LYS B 11 -1.81 -7.83 -34.82
C LYS B 11 -1.37 -9.32 -34.84
N ASP B 12 -2.27 -10.19 -35.32
CA ASP B 12 -2.03 -11.63 -35.46
C ASP B 12 -0.93 -11.98 -36.47
N HIS B 13 -0.48 -11.01 -37.27
CA HIS B 13 0.62 -11.16 -38.22
C HIS B 13 2.01 -10.85 -37.60
N LEU B 14 2.03 -10.45 -36.34
CA LEU B 14 3.27 -10.14 -35.62
C LEU B 14 3.39 -11.09 -34.42
N LEU B 15 4.57 -11.11 -33.77
CA LEU B 15 4.72 -11.84 -32.50
C LEU B 15 3.67 -11.27 -31.47
N LYS B 16 3.10 -12.13 -30.61
CA LYS B 16 2.09 -11.69 -29.64
C LYS B 16 2.53 -10.54 -28.75
N TYR B 17 3.80 -10.54 -28.33
CA TYR B 17 4.32 -9.49 -27.45
C TYR B 17 5.64 -8.94 -27.96
N ASN B 18 6.00 -7.76 -27.45
CA ASN B 18 7.25 -7.07 -27.68
C ASN B 18 7.74 -6.49 -26.33
N VAL B 19 9.03 -6.12 -26.27
CA VAL B 19 9.68 -5.48 -25.12
C VAL B 19 8.81 -4.29 -24.61
N GLY B 20 8.50 -4.30 -23.32
CA GLY B 20 7.68 -3.28 -22.70
C GLY B 20 6.26 -3.70 -22.44
N ASP B 21 5.79 -4.78 -23.08
CA ASP B 21 4.42 -5.24 -22.89
C ASP B 21 4.25 -5.82 -21.48
N LEU B 22 3.12 -5.54 -20.85
CA LEU B 22 2.84 -6.00 -19.48
C LEU B 22 1.95 -7.19 -19.56
N VAL B 23 2.33 -8.22 -18.82
CA VAL B 23 1.64 -9.49 -18.84
C VAL B 23 1.60 -10.08 -17.44
N TRP B 24 0.65 -10.95 -17.18
CA TRP B 24 0.60 -11.79 -15.98
C TRP B 24 1.30 -13.10 -16.43
N SER B 25 2.23 -13.62 -15.62
CA SER B 25 2.92 -14.88 -15.92
C SER B 25 2.46 -15.96 -14.93
N LYS B 26 2.33 -17.20 -15.39
CA LYS B 26 1.94 -18.30 -14.51
C LYS B 26 3.07 -19.30 -14.48
N VAL B 27 3.57 -19.54 -13.26
CA VAL B 27 4.68 -20.42 -12.99
C VAL B 27 4.20 -21.41 -11.92
N SER B 28 4.52 -22.68 -12.12
CA SER B 28 4.21 -23.77 -11.19
C SER B 28 4.62 -23.39 -9.75
N GLY B 29 3.69 -23.45 -8.81
CA GLY B 29 4.00 -23.13 -7.41
C GLY B 29 3.74 -21.68 -7.01
N TYR B 30 3.37 -20.84 -7.98
CA TYR B 30 3.10 -19.43 -7.72
C TYR B 30 1.75 -18.96 -8.27
N PRO B 31 1.18 -17.87 -7.69
CA PRO B 31 -0.03 -17.29 -8.30
C PRO B 31 0.38 -16.52 -9.57
N TRP B 32 -0.59 -16.20 -10.45
CA TRP B 32 -0.37 -15.35 -11.65
C TRP B 32 0.30 -14.04 -11.20
N TRP B 33 1.43 -13.67 -11.83
CA TRP B 33 2.27 -12.59 -11.33
C TRP B 33 2.50 -11.47 -12.36
N PRO B 34 2.39 -10.18 -11.94
CA PRO B 34 2.58 -9.07 -12.90
C PRO B 34 4.03 -9.01 -13.40
N CYS B 35 4.19 -8.93 -14.74
CA CYS B 35 5.48 -8.96 -15.41
C CYS B 35 5.57 -7.96 -16.57
N MET B 36 6.80 -7.74 -17.04
CA MET B 36 7.06 -6.94 -18.24
C MET B 36 8.01 -7.72 -19.17
N VAL B 37 7.64 -7.81 -20.47
CA VAL B 37 8.49 -8.46 -21.47
C VAL B 37 9.76 -7.56 -21.62
N SER B 38 10.95 -8.18 -21.65
CA SER B 38 12.23 -7.46 -21.78
C SER B 38 13.30 -8.35 -22.45
N ALA B 39 14.40 -7.75 -22.92
CA ALA B 39 15.48 -8.51 -23.53
C ALA B 39 16.33 -9.19 -22.45
N ASP B 40 16.71 -10.45 -22.68
CA ASP B 40 17.57 -11.22 -21.80
C ASP B 40 18.95 -10.52 -21.79
N PRO B 41 19.58 -10.37 -20.62
CA PRO B 41 20.88 -9.67 -20.57
C PRO B 41 22.05 -10.37 -21.26
N LEU B 42 22.09 -11.71 -21.23
CA LEU B 42 23.20 -12.45 -21.85
C LEU B 42 22.87 -12.92 -23.27
N LEU B 43 21.63 -13.38 -23.50
CA LEU B 43 21.22 -13.85 -24.82
C LEU B 43 20.88 -12.70 -25.79
N HIS B 44 20.50 -11.53 -25.26
CA HIS B 44 20.12 -10.31 -26.00
C HIS B 44 18.80 -10.42 -26.78
N SER B 45 18.02 -11.46 -26.52
CA SER B 45 16.74 -11.63 -27.19
C SER B 45 15.61 -11.54 -26.16
N TYR B 46 14.41 -11.19 -26.59
CA TYR B 46 13.25 -11.15 -25.68
C TYR B 46 12.25 -12.28 -25.99
N THR B 47 12.46 -13.06 -27.09
CA THR B 47 11.58 -14.15 -27.49
C THR B 47 12.36 -15.19 -28.29
N LYS B 48 11.96 -16.42 -28.19
CA LYS B 48 12.62 -17.52 -28.90
C LYS B 48 11.71 -18.70 -28.95
N LEU B 49 12.05 -19.68 -29.78
CA LEU B 49 11.35 -20.95 -29.77
C LEU B 49 12.27 -21.84 -28.96
N LYS B 50 11.77 -22.40 -27.84
CA LYS B 50 12.59 -23.27 -27.01
C LYS B 50 12.96 -24.52 -27.79
N GLY B 51 14.27 -24.78 -27.92
CA GLY B 51 14.78 -25.91 -28.69
C GLY B 51 14.38 -25.86 -30.16
N GLN B 52 14.11 -24.63 -30.69
CA GLN B 52 13.62 -24.38 -32.05
C GLN B 52 12.27 -25.09 -32.33
N ALA B 53 11.55 -25.50 -31.27
CA ALA B 53 10.30 -26.22 -31.44
C ALA B 53 9.17 -25.25 -31.69
N ALA B 54 8.42 -25.45 -32.78
CA ALA B 54 7.35 -24.55 -33.19
C ALA B 54 6.36 -24.19 -32.09
N SER B 55 5.84 -25.20 -31.36
CA SER B 55 4.82 -24.91 -30.34
C SER B 55 5.40 -24.45 -28.98
N ALA B 56 6.70 -24.11 -28.92
CA ALA B 56 7.35 -23.76 -27.64
C ALA B 56 7.89 -22.33 -27.59
N ARG B 57 7.11 -21.38 -28.06
CA ARG B 57 7.50 -19.97 -28.08
C ARG B 57 7.53 -19.46 -26.63
N GLN B 58 8.63 -18.85 -26.24
CA GLN B 58 8.79 -18.26 -24.92
C GLN B 58 9.15 -16.78 -25.06
N TYR B 59 8.92 -16.03 -23.97
CA TYR B 59 9.23 -14.61 -23.88
C TYR B 59 10.01 -14.40 -22.59
N HIS B 60 11.00 -13.53 -22.63
CA HIS B 60 11.79 -13.20 -21.46
C HIS B 60 11.04 -12.10 -20.70
N VAL B 61 10.80 -12.32 -19.40
CA VAL B 61 10.05 -11.34 -18.60
C VAL B 61 10.75 -10.98 -17.27
N GLN B 62 10.44 -9.77 -16.79
CA GLN B 62 10.85 -9.23 -15.49
C GLN B 62 9.63 -9.43 -14.60
N PHE B 63 9.83 -9.91 -13.37
CA PHE B 63 8.73 -10.06 -12.43
C PHE B 63 8.69 -8.76 -11.58
N PHE B 64 7.56 -8.03 -11.59
CA PHE B 64 7.46 -6.79 -10.78
C PHE B 64 7.47 -7.17 -9.28
N GLY B 65 7.99 -6.26 -8.47
CA GLY B 65 8.06 -6.45 -7.02
C GLY B 65 9.36 -5.92 -6.44
N ASP B 66 9.56 -6.05 -5.12
CA ASP B 66 10.77 -5.53 -4.48
C ASP B 66 11.94 -6.51 -4.48
N ALA B 67 11.73 -7.80 -4.83
CA ALA B 67 12.79 -8.82 -4.85
C ALA B 67 12.83 -9.27 -6.30
N PRO B 68 13.52 -8.51 -7.16
CA PRO B 68 13.43 -8.76 -8.60
C PRO B 68 13.93 -10.10 -9.10
N GLU B 69 13.23 -10.63 -10.11
CA GLU B 69 13.58 -11.89 -10.74
C GLU B 69 13.23 -11.82 -12.21
N ARG B 70 13.85 -12.70 -13.02
CA ARG B 70 13.52 -12.76 -14.44
C ARG B 70 13.46 -14.22 -14.85
N ALA B 71 12.78 -14.53 -15.98
CA ALA B 71 12.66 -15.89 -16.48
C ALA B 71 12.11 -15.90 -17.94
N TRP B 72 12.36 -17.02 -18.64
CA TRP B 72 11.82 -17.30 -19.95
C TRP B 72 10.52 -18.02 -19.64
N ILE B 73 9.42 -17.47 -20.12
CA ILE B 73 8.09 -18.04 -19.88
C ILE B 73 7.41 -18.40 -21.22
N PHE B 74 6.75 -19.57 -21.28
CA PHE B 74 5.96 -19.94 -22.46
C PHE B 74 4.83 -18.94 -22.68
N GLU B 75 4.51 -18.71 -23.97
CA GLU B 75 3.46 -17.80 -24.36
C GLU B 75 2.11 -18.15 -23.75
N LYS B 76 1.80 -19.45 -23.65
CA LYS B 76 0.53 -19.89 -23.05
C LYS B 76 0.44 -19.72 -21.52
N SER B 77 1.56 -19.37 -20.91
CA SER B 77 1.65 -19.05 -19.48
C SER B 77 1.70 -17.49 -19.28
N LEU B 78 1.37 -16.73 -20.34
CA LEU B 78 1.33 -15.26 -20.30
C LEU B 78 -0.05 -14.81 -20.73
N VAL B 79 -0.59 -13.82 -20.04
CA VAL B 79 -1.86 -13.25 -20.39
C VAL B 79 -1.70 -11.71 -20.26
N ALA B 80 -2.33 -10.94 -21.17
CA ALA B 80 -2.22 -9.47 -21.10
C ALA B 80 -2.58 -8.86 -19.72
N PHE B 81 -1.75 -7.92 -19.23
CA PHE B 81 -2.02 -7.23 -17.96
C PHE B 81 -2.68 -5.88 -18.28
N GLU B 82 -3.79 -5.56 -17.60
CA GLU B 82 -4.47 -4.27 -17.73
C GLU B 82 -4.38 -3.59 -16.36
N GLY B 83 -3.68 -2.46 -16.31
CA GLY B 83 -3.41 -1.77 -15.06
C GLY B 83 -4.56 -1.04 -14.41
N GLU B 84 -5.49 -0.53 -15.22
CA GLU B 84 -6.61 0.25 -14.68
C GLU B 84 -7.41 -0.46 -13.60
N GLY B 85 -7.53 0.21 -12.44
CA GLY B 85 -8.31 -0.30 -11.31
C GLY B 85 -7.68 -1.33 -10.42
N GLN B 86 -6.42 -1.73 -10.69
CA GLN B 86 -5.78 -2.77 -9.88
C GLN B 86 -5.64 -2.40 -8.39
N PHE B 87 -5.14 -1.18 -8.08
CA PHE B 87 -4.97 -0.74 -6.70
C PHE B 87 -6.29 -0.57 -5.98
N GLU B 88 -7.33 -0.12 -6.71
CA GLU B 88 -8.68 0.00 -6.11
C GLU B 88 -9.18 -1.36 -5.62
N LYS B 89 -8.87 -2.45 -6.39
CA LYS B 89 -9.18 -3.82 -6.01
C LYS B 89 -8.40 -4.21 -4.74
N LEU B 90 -7.13 -3.75 -4.62
CA LEU B 90 -6.31 -4.06 -3.44
C LEU B 90 -6.86 -3.37 -2.18
N CYS B 91 -7.40 -2.15 -2.33
CA CYS B 91 -7.99 -1.40 -1.21
C CYS B 91 -9.15 -2.20 -0.61
N GLN B 92 -10.06 -2.71 -1.47
CA GLN B 92 -11.20 -3.49 -0.98
C GLN B 92 -10.80 -4.85 -0.45
N GLU B 93 -9.83 -5.55 -1.09
CA GLU B 93 -9.39 -6.86 -0.59
C GLU B 93 -8.78 -6.75 0.81
N SER B 94 -7.92 -5.73 1.04
CA SER B 94 -7.23 -5.47 2.32
C SER B 94 -8.20 -5.21 3.51
N SER B 112 3.67 -16.99 2.31
CA SER B 112 2.40 -16.52 1.76
C SER B 112 2.05 -15.08 2.21
N GLY B 113 2.61 -14.65 3.35
CA GLY B 113 2.42 -13.31 3.90
C GLY B 113 3.47 -12.39 3.31
N LYS B 114 4.72 -12.85 3.28
CA LYS B 114 5.78 -12.12 2.61
C LYS B 114 5.54 -12.19 1.06
N LEU B 115 4.93 -13.30 0.56
CA LEU B 115 4.65 -13.44 -0.88
C LEU B 115 3.52 -12.52 -1.31
N ARG B 116 2.43 -12.46 -0.53
CA ARG B 116 1.30 -11.55 -0.79
C ARG B 116 1.78 -10.10 -0.84
N ALA B 117 2.70 -9.72 0.07
CA ALA B 117 3.26 -8.37 0.09
C ALA B 117 4.09 -8.09 -1.14
N GLN B 118 4.94 -9.05 -1.55
CA GLN B 118 5.75 -8.89 -2.75
C GLN B 118 4.82 -8.78 -3.99
N TRP B 119 3.77 -9.58 -4.03
CA TRP B 119 2.78 -9.58 -5.11
C TRP B 119 2.03 -8.20 -5.18
N GLU B 120 1.58 -7.70 -4.02
CA GLU B 120 0.89 -6.38 -3.94
C GLU B 120 1.83 -5.27 -4.41
N MET B 121 3.13 -5.31 -4.03
CA MET B 121 4.09 -4.31 -4.50
C MET B 121 4.31 -4.40 -6.04
N GLY B 122 4.31 -5.62 -6.56
CA GLY B 122 4.44 -5.86 -7.99
C GLY B 122 3.23 -5.30 -8.73
N ILE B 123 2.02 -5.47 -8.17
CA ILE B 123 0.78 -4.92 -8.73
C ILE B 123 0.88 -3.36 -8.80
N VAL B 124 1.37 -2.73 -7.72
CA VAL B 124 1.54 -1.26 -7.67
C VAL B 124 2.48 -0.75 -8.77
N GLN B 125 3.64 -1.43 -8.94
CA GLN B 125 4.62 -1.06 -9.96
C GLN B 125 4.01 -1.26 -11.35
N ALA B 126 3.33 -2.39 -11.57
CA ALA B 126 2.76 -2.72 -12.87
C ALA B 126 1.63 -1.77 -13.27
N GLU B 127 0.82 -1.35 -12.32
CA GLU B 127 -0.26 -0.39 -12.58
C GLU B 127 0.33 0.95 -13.01
N GLU B 128 1.42 1.38 -12.36
CA GLU B 128 2.11 2.60 -12.80
C GLU B 128 2.71 2.42 -14.19
N ALA B 129 3.37 1.26 -14.44
CA ALA B 129 3.98 0.99 -15.75
C ALA B 129 2.89 1.06 -16.87
N ALA B 130 1.67 0.56 -16.59
CA ALA B 130 0.54 0.59 -17.55
C ALA B 130 0.08 2.01 -17.90
N SER B 131 0.23 2.94 -16.95
CA SER B 131 -0.17 4.33 -17.11
C SER B 131 0.83 5.14 -17.96
N MET B 132 2.02 4.60 -18.22
CA MET B 132 3.08 5.25 -18.98
C MET B 132 3.15 4.70 -20.41
N SER B 133 3.89 5.41 -21.28
CA SER B 133 4.09 4.93 -22.63
C SER B 133 5.05 3.72 -22.55
N VAL B 134 5.15 2.95 -23.65
CA VAL B 134 6.07 1.82 -23.74
C VAL B 134 7.52 2.29 -23.48
N GLU B 135 7.94 3.39 -24.12
CA GLU B 135 9.30 3.90 -23.92
C GLU B 135 9.53 4.43 -22.51
N GLU B 136 8.50 5.00 -21.87
CA GLU B 136 8.62 5.50 -20.51
C GLU B 136 8.80 4.35 -19.53
N ARG B 137 7.95 3.30 -19.63
CA ARG B 137 8.04 2.17 -18.72
C ARG B 137 9.33 1.39 -18.92
N LYS B 138 9.88 1.35 -20.14
CA LYS B 138 11.15 0.65 -20.37
C LYS B 138 12.30 1.43 -19.70
N ALA B 139 12.25 2.77 -19.76
CA ALA B 139 13.29 3.61 -19.16
C ALA B 139 13.22 3.47 -17.63
N LYS B 140 12.01 3.44 -17.06
CA LYS B 140 11.86 3.36 -15.62
C LYS B 140 12.05 1.96 -15.01
N PHE B 141 11.48 0.92 -15.63
CA PHE B 141 11.43 -0.39 -14.98
C PHE B 141 12.45 -1.42 -15.41
N THR B 142 13.15 -1.23 -16.56
CA THR B 142 14.15 -2.25 -16.98
C THR B 142 15.23 -2.42 -15.92
N PHE B 143 15.52 -3.68 -15.53
CA PHE B 143 16.49 -4.03 -14.50
C PHE B 143 17.91 -3.54 -14.80
N LEU B 144 18.70 -3.39 -13.74
CA LEU B 144 20.09 -3.03 -13.88
C LEU B 144 20.85 -4.35 -13.82
N TYR B 145 21.69 -4.60 -14.82
CA TYR B 145 22.48 -5.81 -14.88
C TYR B 145 23.94 -5.49 -14.62
N VAL B 146 24.52 -6.13 -13.58
CA VAL B 146 25.93 -5.93 -13.18
C VAL B 146 26.69 -7.25 -13.22
N LEU B 150 21.70 -9.04 -11.15
CA LEU B 150 20.33 -8.52 -11.34
C LEU B 150 19.91 -7.62 -10.18
N HIS B 151 19.56 -6.38 -10.51
CA HIS B 151 19.06 -5.43 -9.52
C HIS B 151 17.80 -4.76 -10.04
N LEU B 152 16.98 -4.21 -9.11
CA LEU B 152 15.86 -3.36 -9.51
C LEU B 152 16.44 -2.15 -10.26
N ASN B 153 15.65 -1.51 -11.11
CA ASN B 153 16.08 -0.25 -11.76
C ASN B 153 16.27 0.78 -10.62
N PRO B 154 17.38 1.52 -10.60
CA PRO B 154 17.64 2.46 -9.50
C PRO B 154 16.48 3.38 -9.15
N GLN B 155 15.67 3.80 -10.14
CA GLN B 155 14.54 4.68 -9.89
C GLN B 155 13.48 3.97 -9.06
N VAL B 156 13.22 2.70 -9.42
CA VAL B 156 12.30 1.83 -8.74
C VAL B 156 12.81 1.58 -7.30
N ALA B 157 14.11 1.26 -7.12
CA ALA B 157 14.64 1.02 -5.75
C ALA B 157 14.40 2.24 -4.83
N LYS B 158 14.76 3.46 -5.32
CA LYS B 158 14.57 4.72 -4.60
C LYS B 158 13.11 4.90 -4.21
N GLU B 159 12.19 4.72 -5.16
CA GLU B 159 10.77 4.89 -4.88
C GLU B 159 10.20 3.83 -3.95
N ALA B 160 10.85 2.68 -3.82
CA ALA B 160 10.44 1.61 -2.91
C ALA B 160 11.10 1.77 -1.50
N GLY B 161 12.07 2.66 -1.37
CA GLY B 161 12.77 2.84 -0.10
C GLY B 161 13.78 1.73 0.10
N ILE B 162 14.46 1.33 -0.97
CA ILE B 162 15.49 0.29 -1.00
C ILE B 162 16.75 0.88 -1.60
N ALA B 163 17.93 0.48 -1.08
CA ALA B 163 19.22 1.00 -1.57
C ALA B 163 19.37 0.71 -3.06
N ALA B 164 19.69 1.76 -3.84
CA ALA B 164 19.88 1.59 -5.28
C ALA B 164 21.27 0.96 -5.53
N GLU B 165 21.31 -0.06 -6.42
CA GLU B 165 22.44 -0.92 -6.85
C GLU B 165 22.64 -2.14 -5.91
C1 A1H7Z C . 0.24 5.77 13.16
C2 A1H7Z C . 1.88 6.21 14.55
C3 A1H7Z C . 2.83 6.16 15.68
C7 A1H7Z C . 3.34 2.06 17.50
C8 A1H7Z C . 2.60 1.24 18.57
C9 A1H7Z C . 3.51 0.15 19.16
C10 A1H7Z C . 4.86 0.73 19.58
C11 A1H7Z C . 5.47 1.55 18.46
C12 A1H7Z C . 4.66 5.90 17.75
C13 A1H7Z C . 3.97 7.07 17.58
C14 A1H7Z C . 3.04 7.24 16.55
C15 A1H7Z C . 2.29 8.56 16.43
C16 A1H7Z C . 0.80 5.33 14.32
C19 A1H7Z C . 0.03 1.82 15.46
C20 A1H7Z C . -0.57 2.06 16.68
C21 A1H7Z C . -1.94 1.28 18.47
C22 A1H7Z C . -2.36 2.72 18.69
C24 A1H7Z C . -0.28 4.45 16.38
O1 A1H7Z C . -2.40 0.38 19.19
N2 A1H7Z C . -1.07 1.03 17.48
O2 A1H7Z C . -1.33 3.68 18.34
C23 A1H7Z C . -0.74 3.39 17.13
C18 A1H7Z C . 0.48 2.89 14.70
C17 A1H7Z C . 0.32 4.20 15.14
C A1H7Z C . -0.92 5.32 12.35
N A1H7Z C . 1.99 7.10 13.59
O A1H7Z C . 0.94 6.82 12.69
C5 A1H7Z C . 4.47 4.83 16.89
C4 A1H7Z C . 3.56 4.97 15.86
C6 A1H7Z C . 5.24 3.54 17.07
N1 A1H7Z C . 4.59 2.65 18.05
C1 A1H7Z D . 7.31 -16.37 -9.86
C2 A1H7Z D . 9.45 -16.86 -9.73
C3 A1H7Z D . 10.88 -16.85 -9.39
C7 A1H7Z D . 11.57 -15.18 -5.27
C8 A1H7Z D . 11.64 -13.76 -4.72
C9 A1H7Z D . 12.42 -13.73 -3.41
C10 A1H7Z D . 13.78 -14.40 -3.58
C11 A1H7Z D . 13.62 -15.79 -4.18
C12 A1H7Z D . 13.52 -16.85 -8.54
C13 A1H7Z D . 13.22 -16.74 -9.88
C14 A1H7Z D . 11.90 -16.73 -10.34
C15 A1H7Z D . 11.63 -16.60 -11.82
C16 A1H7Z D . 8.47 -15.96 -9.26
C19 A1H7Z D . 8.19 -13.76 -6.20
C20 A1H7Z D . 8.83 -12.61 -6.64
C21 A1H7Z D . 9.23 -10.28 -6.38
C22 A1H7Z D . 9.38 -10.23 -7.89
C24 A1H7Z D . 9.23 -13.66 -8.80
O1 A1H7Z D . 9.35 -9.27 -5.68
N2 A1H7Z D . 8.96 -11.48 -5.85
O2 A1H7Z D . 9.97 -11.44 -8.42
C23 A1H7Z D . 9.34 -12.57 -7.95
C18 A1H7Z D . 8.08 -14.85 -7.05
C17 A1H7Z D . 8.60 -14.81 -8.35
C A1H7Z D . 5.91 -15.89 -9.82
N A1H7Z D . 8.94 -17.74 -10.55
O A1H7Z D . 7.56 -17.44 -10.63
C5 A1H7Z D . 12.53 -16.97 -7.59
C4 A1H7Z D . 11.21 -16.96 -8.03
C6 A1H7Z D . 12.85 -17.08 -6.12
N1 A1H7Z D . 12.91 -15.76 -5.47
#